data_6WKZ
#
_entry.id   6WKZ
#
_cell.length_a   106.232
_cell.length_b   106.232
_cell.length_c   157.471
_cell.angle_alpha   90.00
_cell.angle_beta   90.00
_cell.angle_gamma   120.00
#
_symmetry.space_group_name_H-M   'P 32 2 1'
#
loop_
_entity.id
_entity.type
_entity.pdbx_description
1 polymer 'Deoxyhypusine synthase'
2 non-polymer 6-[(1R)-2-amino-1-phenylethyl]-3-(pyridin-3-yl)-5,6-dihydrothieno[2,3-c]pyridin-7(4H)-one
3 water water
#
_entity_poly.entity_id   1
_entity_poly.type   'polypeptide(L)'
_entity_poly.pdbx_seq_one_letter_code
;GGSMEGSLEREAPAGALAAVLKHSSTLPPESTQVRGYDFNRGVNYRALLEAFGTTGFQATNFGRAVQQVNAMIEKKLEPL
SQDEDQHADLTQSRRPLTSCTIFLGYTSNLISSGIRETIRYLVQHNMVDVLVTTAGGVEEDLIKCLAPTYLGEFSLRGKE
LRENGINRIGNLLVPNENYCKFEDWLMPILDQMVMEQNTEGVKWTPSKMIARLGKEINNPESVYYWAQKNHIPVFSPALT
DGSLGDMIFFHSYKNPGLVLDIVEDLRLINTQAIFAKCTGMIILGGGVVKHHIANANLMRNGADYAVYINTAQEFDGSDS
GARPDEAVSWGKIRVDAQPVKVYADASLVFPLLVAETFAQKMDAFMHEKNED
;
_entity_poly.pdbx_strand_id   A,B
#
# COMPACT_ATOMS: atom_id res chain seq x y z
N SER A 31 -2.30 -40.41 7.31
CA SER A 31 -2.42 -39.12 6.54
C SER A 31 -3.54 -39.24 5.49
N THR A 32 -3.64 -38.22 4.64
CA THR A 32 -4.67 -38.18 3.61
C THR A 32 -4.06 -38.43 2.24
N GLN A 33 -4.73 -39.26 1.46
CA GLN A 33 -4.29 -39.64 0.13
C GLN A 33 -4.70 -38.62 -0.92
N VAL A 34 -3.82 -38.39 -1.87
CA VAL A 34 -4.12 -37.55 -3.01
C VAL A 34 -5.09 -38.25 -3.92
N ARG A 35 -6.17 -37.56 -4.27
CA ARG A 35 -7.21 -38.08 -5.12
C ARG A 35 -8.04 -36.89 -5.65
N GLY A 36 -8.13 -36.75 -6.97
CA GLY A 36 -8.97 -35.71 -7.55
C GLY A 36 -10.44 -36.13 -7.58
N TYR A 37 -11.30 -35.20 -7.94
CA TYR A 37 -12.71 -35.50 -8.14
C TYR A 37 -12.87 -36.41 -9.36
N ASP A 38 -13.72 -37.43 -9.24
CA ASP A 38 -13.99 -38.34 -10.33
C ASP A 38 -15.28 -37.97 -11.02
N PHE A 39 -15.17 -37.47 -12.24
CA PHE A 39 -16.35 -37.03 -12.99
C PHE A 39 -17.22 -38.17 -13.52
N ASN A 40 -16.81 -39.43 -13.30
CA ASN A 40 -17.74 -40.56 -13.48
C ASN A 40 -18.93 -40.49 -12.50
N ARG A 41 -18.74 -39.75 -11.40
CA ARG A 41 -19.84 -39.51 -10.47
CA ARG A 41 -19.82 -39.47 -10.45
C ARG A 41 -20.77 -38.41 -10.99
N GLY A 42 -20.51 -37.87 -12.19
CA GLY A 42 -21.29 -36.75 -12.71
C GLY A 42 -20.82 -35.42 -12.13
N VAL A 43 -21.53 -34.36 -12.48
CA VAL A 43 -21.15 -33.03 -12.03
C VAL A 43 -21.88 -32.68 -10.74
N ASN A 44 -21.37 -33.18 -9.63
CA ASN A 44 -21.88 -32.83 -8.32
C ASN A 44 -20.96 -31.72 -7.80
N TYR A 45 -21.43 -30.48 -7.90
CA TYR A 45 -20.60 -29.33 -7.60
C TYR A 45 -20.05 -29.30 -6.17
N ARG A 46 -20.88 -29.60 -5.18
CA ARG A 46 -20.40 -29.59 -3.80
C ARG A 46 -19.29 -30.63 -3.53
N ALA A 47 -19.44 -31.81 -4.11
CA ALA A 47 -18.47 -32.88 -3.96
C ALA A 47 -17.16 -32.50 -4.67
N LEU A 48 -17.31 -31.85 -5.83
CA LEU A 48 -16.18 -31.35 -6.62
C LEU A 48 -15.36 -30.31 -5.86
N LEU A 49 -16.03 -29.32 -5.30
CA LEU A 49 -15.37 -28.30 -4.45
C LEU A 49 -14.73 -28.89 -3.20
N GLU A 50 -15.42 -29.77 -2.50
CA GLU A 50 -14.83 -30.54 -1.40
C GLU A 50 -13.57 -31.31 -1.83
N ALA A 51 -13.59 -31.92 -3.01
CA ALA A 51 -12.47 -32.75 -3.46
C ALA A 51 -11.21 -31.95 -3.77
N PHE A 52 -11.35 -30.62 -3.92
CA PHE A 52 -10.15 -29.79 -4.05
C PHE A 52 -9.18 -30.03 -2.90
N GLY A 53 -9.71 -30.34 -1.71
CA GLY A 53 -8.91 -30.50 -0.49
C GLY A 53 -7.89 -31.59 -0.62
N THR A 54 -8.24 -32.66 -1.33
CA THR A 54 -7.34 -33.78 -1.56
C THR A 54 -6.67 -33.79 -2.92
N THR A 55 -6.84 -32.71 -3.70
CA THR A 55 -6.32 -32.66 -5.05
C THR A 55 -4.82 -32.27 -5.07
N GLY A 56 -4.40 -31.44 -4.13
CA GLY A 56 -3.01 -31.02 -4.05
C GLY A 56 -2.77 -29.59 -4.50
N PHE A 57 -1.53 -29.13 -4.31
CA PHE A 57 -1.10 -27.79 -4.66
C PHE A 57 -2.12 -26.79 -4.14
N GLN A 58 -2.45 -25.77 -4.95
CA GLN A 58 -3.30 -24.69 -4.48
C GLN A 58 -4.77 -25.12 -4.33
N ALA A 59 -5.18 -26.18 -5.00
CA ALA A 59 -6.50 -26.75 -4.70
C ALA A 59 -6.62 -27.17 -3.23
N THR A 60 -5.59 -27.83 -2.73
CA THR A 60 -5.56 -28.23 -1.30
C THR A 60 -5.62 -26.99 -0.41
N ASN A 61 -4.92 -25.92 -0.80
CA ASN A 61 -4.97 -24.72 0.00
C ASN A 61 -6.35 -24.10 -0.02
N PHE A 62 -7.04 -24.22 -1.16
CA PHE A 62 -8.41 -23.74 -1.22
C PHE A 62 -9.30 -24.50 -0.24
N GLY A 63 -9.18 -25.83 -0.24
CA GLY A 63 -9.85 -26.66 0.77
C GLY A 63 -9.55 -26.24 2.20
N ARG A 64 -8.32 -25.88 2.48
CA ARG A 64 -7.96 -25.39 3.83
C ARG A 64 -8.57 -24.00 4.11
N ALA A 65 -8.63 -23.13 3.11
CA ALA A 65 -9.25 -21.81 3.28
C ALA A 65 -10.72 -21.96 3.66
N VAL A 66 -11.40 -22.90 3.02
CA VAL A 66 -12.83 -23.13 3.28
C VAL A 66 -13.01 -23.50 4.75
N GLN A 67 -12.18 -24.40 5.25
CA GLN A 67 -12.24 -24.82 6.65
C GLN A 67 -11.94 -23.67 7.60
N GLN A 68 -10.93 -22.91 7.26
CA GLN A 68 -10.54 -21.77 8.09
C GLN A 68 -11.67 -20.73 8.18
N VAL A 69 -12.28 -20.39 7.03
CA VAL A 69 -13.38 -19.43 7.02
C VAL A 69 -14.63 -20.00 7.70
N ASN A 70 -14.88 -21.28 7.52
CA ASN A 70 -16.01 -21.90 8.20
C ASN A 70 -15.78 -21.93 9.69
N ALA A 71 -14.54 -22.13 10.13
CA ALA A 71 -14.27 -22.04 11.57
C ALA A 71 -14.54 -20.61 12.10
N MET A 72 -14.23 -19.57 11.32
CA MET A 72 -14.47 -18.17 11.73
C MET A 72 -15.94 -17.93 11.90
N ILE A 73 -16.71 -18.45 10.96
CA ILE A 73 -18.14 -18.22 10.93
C ILE A 73 -18.83 -18.94 12.07
N GLU A 74 -18.47 -20.19 12.27
CA GLU A 74 -18.94 -20.97 13.41
C GLU A 74 -18.65 -20.22 14.72
N LYS A 75 -17.44 -19.68 14.83
CA LYS A 75 -17.07 -18.96 16.04
C LYS A 75 -17.92 -17.71 16.17
N LYS A 76 -18.08 -16.98 15.08
CA LYS A 76 -18.90 -15.78 15.06
C LYS A 76 -20.34 -16.00 15.49
N LEU A 77 -20.93 -17.12 15.09
CA LEU A 77 -22.34 -17.38 15.37
C LEU A 77 -22.55 -17.90 16.79
N GLU A 78 -21.45 -18.18 17.48
CA GLU A 78 -21.48 -18.68 18.84
C GLU A 78 -21.93 -17.52 19.74
N PRO A 79 -22.93 -17.76 20.60
CA PRO A 79 -23.32 -16.63 21.47
C PRO A 79 -22.22 -16.28 22.46
N LEU A 80 -22.08 -15.01 22.77
CA LEU A 80 -21.16 -14.60 23.83
C LEU A 80 -21.63 -15.20 25.15
N SER A 81 -20.71 -15.78 25.92
CA SER A 81 -21.05 -16.30 27.27
C SER A 81 -21.28 -15.14 28.23
N GLN A 82 -21.72 -15.46 29.44
CA GLN A 82 -21.99 -14.43 30.44
C GLN A 82 -20.76 -13.53 30.73
N ASP A 83 -19.57 -14.14 30.71
CA ASP A 83 -18.32 -13.44 31.05
C ASP A 83 -17.72 -12.59 29.93
N GLU A 84 -18.02 -12.92 28.67
CA GLU A 84 -17.32 -12.32 27.52
C GLU A 84 -17.85 -10.95 27.08
N ASP A 85 -18.96 -10.49 27.66
CA ASP A 85 -19.71 -9.32 27.13
C ASP A 85 -18.97 -7.95 27.07
N GLN A 86 -19.42 -7.10 26.15
CA GLN A 86 -18.79 -5.81 25.82
C GLN A 86 -19.29 -4.67 26.70
N ARG A 95 -21.39 -0.47 16.91
CA ARG A 95 -21.56 -1.79 16.34
C ARG A 95 -21.37 -2.89 17.38
N PRO A 96 -22.41 -3.74 17.57
CA PRO A 96 -22.34 -4.76 18.60
C PRO A 96 -21.28 -5.85 18.34
N LEU A 97 -20.54 -6.17 19.39
CA LEU A 97 -19.48 -7.17 19.36
C LEU A 97 -20.07 -8.60 19.28
N THR A 98 -19.43 -9.44 18.45
CA THR A 98 -19.77 -10.88 18.32
C THR A 98 -18.64 -11.75 18.87
N SER A 99 -18.78 -13.06 18.77
CA SER A 99 -17.74 -13.95 19.25
C SER A 99 -16.52 -13.99 18.32
N CYS A 100 -16.63 -13.43 17.12
CA CYS A 100 -15.46 -13.32 16.22
C CYS A 100 -15.54 -12.09 15.33
N THR A 101 -14.54 -11.23 15.45
CA THR A 101 -14.47 -10.00 14.69
C THR A 101 -13.68 -10.30 13.43
N ILE A 102 -14.30 -10.09 12.28
CA ILE A 102 -13.68 -10.46 11.01
C ILE A 102 -13.31 -9.23 10.21
N PHE A 103 -12.03 -9.16 9.86
CA PHE A 103 -11.46 -8.11 9.06
C PHE A 103 -11.35 -8.58 7.63
N LEU A 104 -11.91 -7.81 6.73
CA LEU A 104 -11.83 -8.09 5.32
C LEU A 104 -11.01 -7.00 4.62
N GLY A 105 -9.85 -7.39 4.08
CA GLY A 105 -8.96 -6.50 3.34
C GLY A 105 -8.87 -6.83 1.87
N TYR A 106 -8.70 -5.81 1.05
CA TYR A 106 -8.65 -6.02 -0.39
C TYR A 106 -8.00 -4.86 -1.10
N THR A 107 -7.32 -5.16 -2.20
CA THR A 107 -6.71 -4.17 -3.05
C THR A 107 -7.77 -3.56 -3.95
N SER A 108 -7.52 -2.36 -4.45
CA SER A 108 -8.53 -1.69 -5.24
C SER A 108 -8.87 -2.37 -6.56
N ASN A 109 -7.89 -3.03 -7.16
CA ASN A 109 -8.15 -3.82 -8.37
C ASN A 109 -9.34 -4.79 -8.23
N LEU A 110 -9.52 -5.36 -7.04
CA LEU A 110 -10.63 -6.25 -6.82
C LEU A 110 -11.96 -5.53 -6.80
N ILE A 111 -11.95 -4.26 -6.43
CA ILE A 111 -13.18 -3.44 -6.47
C ILE A 111 -13.52 -3.03 -7.88
N SER A 112 -12.50 -2.86 -8.73
CA SER A 112 -12.75 -2.69 -10.16
C SER A 112 -13.35 -3.94 -10.81
N SER A 113 -12.98 -5.11 -10.31
CA SER A 113 -13.46 -6.39 -10.81
C SER A 113 -14.86 -6.68 -10.29
N GLY A 114 -15.40 -7.80 -10.71
CA GLY A 114 -16.73 -8.24 -10.29
C GLY A 114 -16.74 -8.73 -8.85
N ILE A 115 -15.57 -8.86 -8.25
CA ILE A 115 -15.47 -9.22 -6.84
C ILE A 115 -16.05 -8.13 -5.97
N ARG A 116 -16.19 -6.93 -6.54
CA ARG A 116 -16.97 -5.88 -5.88
C ARG A 116 -18.35 -6.37 -5.42
N GLU A 117 -19.01 -7.19 -6.24
CA GLU A 117 -20.33 -7.75 -5.87
C GLU A 117 -20.28 -8.73 -4.71
N THR A 118 -19.22 -9.54 -4.67
CA THR A 118 -19.00 -10.50 -3.62
C THR A 118 -18.75 -9.81 -2.29
N ILE A 119 -17.82 -8.85 -2.31
CA ILE A 119 -17.56 -8.04 -1.12
C ILE A 119 -18.88 -7.33 -0.70
N ARG A 120 -19.58 -6.72 -1.65
CA ARG A 120 -20.81 -6.02 -1.27
C ARG A 120 -21.82 -6.95 -0.57
N TYR A 121 -21.96 -8.16 -1.08
CA TYR A 121 -22.83 -9.17 -0.45
C TYR A 121 -22.48 -9.42 1.02
N LEU A 122 -21.21 -9.65 1.30
CA LEU A 122 -20.78 -9.91 2.69
C LEU A 122 -21.06 -8.73 3.64
N VAL A 123 -20.84 -7.54 3.12
CA VAL A 123 -21.05 -6.31 3.90
C VAL A 123 -22.53 -6.03 4.11
N GLN A 124 -23.31 -6.17 3.05
CA GLN A 124 -24.76 -6.01 3.12
C GLN A 124 -25.38 -6.86 4.22
N HIS A 125 -24.86 -8.07 4.38
CA HIS A 125 -25.44 -9.00 5.32
C HIS A 125 -24.66 -9.13 6.64
N ASN A 126 -23.84 -8.14 6.96
CA ASN A 126 -23.15 -8.09 8.26
C ASN A 126 -22.28 -9.32 8.54
N MET A 127 -21.69 -9.85 7.48
CA MET A 127 -20.92 -11.05 7.62
C MET A 127 -19.47 -10.75 8.01
N VAL A 128 -19.05 -9.50 7.85
CA VAL A 128 -17.73 -9.03 8.25
C VAL A 128 -17.91 -7.78 9.08
N ASP A 129 -16.89 -7.42 9.87
CA ASP A 129 -16.99 -6.31 10.82
C ASP A 129 -16.14 -5.09 10.50
N VAL A 130 -15.09 -5.24 9.70
CA VAL A 130 -14.19 -4.13 9.40
C VAL A 130 -13.66 -4.30 7.99
N LEU A 131 -13.62 -3.22 7.21
CA LEU A 131 -12.99 -3.23 5.90
C LEU A 131 -11.70 -2.43 5.93
N VAL A 132 -10.70 -2.94 5.23
CA VAL A 132 -9.45 -2.24 5.03
C VAL A 132 -9.16 -2.33 3.53
N THR A 133 -8.79 -1.21 2.91
CA THR A 133 -8.44 -1.24 1.49
C THR A 133 -7.28 -0.29 1.20
N THR A 134 -6.91 -0.20 -0.07
CA THR A 134 -5.73 0.54 -0.58
C THR A 134 -6.19 1.64 -1.54
N ALA A 135 -5.26 2.44 -2.02
CA ALA A 135 -5.55 3.56 -2.93
C ALA A 135 -6.43 3.16 -4.10
N GLY A 136 -7.55 3.85 -4.30
CA GLY A 136 -8.48 3.51 -5.38
C GLY A 136 -9.66 2.70 -4.89
N GLY A 137 -9.48 1.99 -3.77
CA GLY A 137 -10.48 1.04 -3.28
C GLY A 137 -11.85 1.62 -2.97
N VAL A 138 -11.91 2.93 -2.73
CA VAL A 138 -13.16 3.58 -2.40
C VAL A 138 -13.87 4.09 -3.64
N GLU A 139 -13.19 4.97 -4.36
CA GLU A 139 -13.81 5.63 -5.49
C GLU A 139 -14.28 4.64 -6.55
N GLU A 140 -13.52 3.58 -6.80
CA GLU A 140 -13.91 2.59 -7.82
C GLU A 140 -15.26 1.90 -7.57
N ASP A 141 -15.69 1.81 -6.32
CA ASP A 141 -17.02 1.29 -5.98
C ASP A 141 -18.08 2.35 -6.27
N LEU A 142 -17.76 3.59 -5.92
CA LEU A 142 -18.70 4.72 -6.03
C LEU A 142 -18.95 5.06 -7.49
N ILE A 143 -17.89 5.05 -8.28
CA ILE A 143 -17.99 5.34 -9.70
C ILE A 143 -18.88 4.35 -10.46
N LYS A 144 -18.96 3.10 -10.01
CA LYS A 144 -19.76 2.08 -10.69
C LYS A 144 -21.22 2.28 -10.48
N CYS A 145 -21.59 3.06 -9.47
CA CYS A 145 -22.97 3.48 -9.29
C CYS A 145 -23.37 4.55 -10.30
N LEU A 146 -22.40 5.30 -10.82
CA LEU A 146 -22.68 6.38 -11.77
C LEU A 146 -22.50 5.90 -13.22
N ALA A 147 -21.59 4.97 -13.45
CA ALA A 147 -21.31 4.48 -14.80
C ALA A 147 -20.57 3.15 -14.71
N PRO A 148 -20.77 2.27 -15.69
CA PRO A 148 -20.20 0.92 -15.65
C PRO A 148 -18.72 0.85 -16.06
N THR A 149 -18.01 -0.13 -15.50
CA THR A 149 -16.69 -0.58 -15.95
C THR A 149 -16.90 -1.63 -17.05
N TYR A 150 -15.96 -1.74 -17.99
CA TYR A 150 -16.14 -2.66 -19.12
C TYR A 150 -15.00 -3.65 -19.24
N LEU A 151 -15.26 -4.78 -19.89
CA LEU A 151 -14.18 -5.74 -20.23
C LEU A 151 -13.47 -5.36 -21.52
N GLY A 152 -12.14 -5.34 -21.50
CA GLY A 152 -11.32 -5.19 -22.71
C GLY A 152 -10.40 -6.39 -22.89
N GLU A 153 -9.08 -6.16 -22.93
CA GLU A 153 -8.06 -7.23 -23.02
C GLU A 153 -6.73 -6.85 -22.32
N PHE A 154 -5.83 -7.83 -22.14
CA PHE A 154 -4.49 -7.59 -21.58
C PHE A 154 -3.54 -7.14 -22.69
N LEU A 161 -5.88 3.68 -26.50
CA LEU A 161 -6.61 3.79 -25.25
C LEU A 161 -6.49 5.19 -24.65
N ARG A 162 -5.26 5.69 -24.55
CA ARG A 162 -5.00 7.03 -24.00
C ARG A 162 -5.66 8.17 -24.82
N GLU A 163 -5.93 7.92 -26.10
CA GLU A 163 -6.57 8.91 -26.98
C GLU A 163 -8.11 8.90 -26.93
N ASN A 164 -8.71 7.72 -26.82
CA ASN A 164 -10.16 7.59 -26.60
C ASN A 164 -10.59 8.03 -25.19
N GLY A 165 -9.63 8.03 -24.26
CA GLY A 165 -9.89 8.43 -22.87
C GLY A 165 -10.37 7.23 -22.07
N ILE A 166 -9.49 6.25 -21.92
CA ILE A 166 -9.79 4.99 -21.22
C ILE A 166 -8.69 4.70 -20.20
N ASN A 167 -9.06 4.40 -18.96
CA ASN A 167 -8.11 3.90 -17.98
C ASN A 167 -8.13 2.37 -17.96
N ARG A 168 -6.96 1.75 -18.19
CA ARG A 168 -6.82 0.31 -18.27
C ARG A 168 -6.35 -0.24 -16.91
N ILE A 169 -7.13 -1.14 -16.33
CA ILE A 169 -6.73 -1.88 -15.13
C ILE A 169 -6.76 -3.37 -15.47
N GLY A 170 -5.62 -3.92 -15.87
CA GLY A 170 -5.58 -5.29 -16.36
C GLY A 170 -6.36 -5.41 -17.66
N ASN A 171 -7.37 -6.27 -17.66
CA ASN A 171 -8.27 -6.41 -18.81
C ASN A 171 -9.58 -5.65 -18.60
N LEU A 172 -9.61 -4.75 -17.62
CA LEU A 172 -10.77 -3.91 -17.35
C LEU A 172 -10.59 -2.51 -17.95
N LEU A 173 -11.69 -1.89 -18.39
CA LEU A 173 -11.65 -0.55 -18.99
C LEU A 173 -12.61 0.39 -18.29
N VAL A 174 -12.08 1.49 -17.77
CA VAL A 174 -12.93 2.55 -17.22
C VAL A 174 -12.84 3.80 -18.10
N PRO A 175 -13.94 4.16 -18.80
CA PRO A 175 -13.89 5.41 -19.54
C PRO A 175 -13.55 6.58 -18.63
N ASN A 176 -12.73 7.50 -19.13
CA ASN A 176 -12.36 8.73 -18.40
C ASN A 176 -13.58 9.55 -18.01
N GLU A 177 -14.65 9.46 -18.80
CA GLU A 177 -15.88 10.19 -18.48
C GLU A 177 -16.45 9.73 -17.13
N ASN A 178 -16.30 8.46 -16.78
CA ASN A 178 -16.72 8.00 -15.45
C ASN A 178 -16.16 8.86 -14.32
N TYR A 179 -14.89 9.23 -14.42
CA TYR A 179 -14.24 10.06 -13.39
C TYR A 179 -14.74 11.52 -13.41
N CYS A 180 -15.09 12.02 -14.58
CA CYS A 180 -15.71 13.35 -14.70
C CYS A 180 -17.07 13.37 -14.02
N LYS A 181 -17.87 12.32 -14.26
CA LYS A 181 -19.16 12.19 -13.56
C LYS A 181 -18.98 12.12 -12.04
N PHE A 182 -17.92 11.46 -11.61
CA PHE A 182 -17.63 11.32 -10.19
C PHE A 182 -17.27 12.67 -9.55
N GLU A 183 -16.44 13.44 -10.27
CA GLU A 183 -16.04 14.78 -9.84
C GLU A 183 -17.27 15.66 -9.58
N ASP A 184 -18.23 15.66 -10.51
CA ASP A 184 -19.44 16.49 -10.37
C ASP A 184 -20.22 16.11 -9.12
N TRP A 185 -20.42 14.81 -8.93
CA TRP A 185 -21.13 14.30 -7.77
C TRP A 185 -20.43 14.64 -6.44
N LEU A 186 -19.09 14.63 -6.44
CA LEU A 186 -18.31 14.73 -5.21
C LEU A 186 -18.14 16.17 -4.65
N MET A 187 -17.93 17.13 -5.55
CA MET A 187 -17.60 18.51 -5.12
C MET A 187 -18.57 19.11 -4.10
N PRO A 188 -19.88 19.04 -4.38
CA PRO A 188 -20.87 19.54 -3.39
C PRO A 188 -20.77 18.86 -2.03
N ILE A 189 -20.45 17.57 -2.02
CA ILE A 189 -20.24 16.84 -0.76
C ILE A 189 -18.98 17.34 -0.03
N LEU A 190 -17.91 17.59 -0.78
CA LEU A 190 -16.72 18.13 -0.17
C LEU A 190 -16.98 19.54 0.42
N ASP A 191 -17.82 20.35 -0.22
CA ASP A 191 -18.23 21.65 0.35
C ASP A 191 -18.94 21.47 1.67
N GLN A 192 -19.91 20.57 1.71
CA GLN A 192 -20.61 20.27 2.97
C GLN A 192 -19.67 19.80 4.08
N MET A 193 -18.62 19.05 3.73
CA MET A 193 -17.75 18.45 4.73
C MET A 193 -16.86 19.50 5.37
N VAL A 194 -16.34 20.40 4.55
CA VAL A 194 -15.56 21.54 5.06
C VAL A 194 -16.43 22.46 5.92
N MET A 195 -17.67 22.69 5.49
CA MET A 195 -18.58 23.54 6.27
C MET A 195 -18.79 22.94 7.68
N GLU A 196 -19.10 21.64 7.74
CA GLU A 196 -19.33 20.94 9.01
C GLU A 196 -18.08 20.86 9.87
N GLN A 197 -16.92 20.82 9.24
CA GLN A 197 -15.67 20.87 9.98
C GLN A 197 -15.58 22.22 10.67
N ASN A 198 -15.76 23.27 9.90
CA ASN A 198 -15.53 24.63 10.37
C ASN A 198 -16.65 25.19 11.24
N THR A 199 -17.89 24.79 11.04
CA THR A 199 -19.02 25.34 11.83
C THR A 199 -19.70 24.34 12.78
N GLU A 200 -19.45 23.05 12.62
CA GLU A 200 -20.02 22.06 13.55
C GLU A 200 -18.96 21.27 14.32
N GLY A 201 -17.69 21.58 14.08
CA GLY A 201 -16.60 20.92 14.79
C GLY A 201 -16.44 19.43 14.50
N VAL A 202 -16.83 19.00 13.30
CA VAL A 202 -16.61 17.63 12.87
C VAL A 202 -15.11 17.44 12.58
N LYS A 203 -14.53 16.39 13.14
CA LYS A 203 -13.14 16.03 12.93
C LYS A 203 -13.02 14.84 11.96
N TRP A 204 -12.76 15.12 10.68
CA TRP A 204 -12.79 14.11 9.64
C TRP A 204 -11.55 13.18 9.73
N THR A 205 -11.79 11.91 9.43
CA THR A 205 -10.77 10.89 9.25
C THR A 205 -11.15 10.16 7.98
N PRO A 206 -10.25 9.34 7.43
CA PRO A 206 -10.70 8.63 6.21
C PRO A 206 -11.93 7.76 6.46
N SER A 207 -12.01 7.06 7.59
CA SER A 207 -13.18 6.21 7.80
C SER A 207 -14.47 7.01 7.80
N LYS A 208 -14.43 8.23 8.34
CA LYS A 208 -15.66 9.02 8.46
C LYS A 208 -16.04 9.54 7.09
N MET A 209 -15.03 9.93 6.32
CA MET A 209 -15.29 10.35 4.96
C MET A 209 -15.89 9.22 4.12
N ILE A 210 -15.33 8.02 4.25
CA ILE A 210 -15.84 6.87 3.49
C ILE A 210 -17.29 6.54 3.90
N ALA A 211 -17.57 6.57 5.20
CA ALA A 211 -18.93 6.39 5.66
C ALA A 211 -19.84 7.43 5.00
N ARG A 212 -19.38 8.67 4.90
CA ARG A 212 -20.23 9.75 4.38
C ARG A 212 -20.46 9.60 2.88
N LEU A 213 -19.40 9.28 2.14
CA LEU A 213 -19.56 8.96 0.72
C LEU A 213 -20.54 7.79 0.47
N GLY A 214 -20.45 6.74 1.27
CA GLY A 214 -21.42 5.66 1.19
C GLY A 214 -22.86 6.09 1.46
N LYS A 215 -23.07 6.91 2.48
CA LYS A 215 -24.41 7.41 2.74
C LYS A 215 -24.91 8.24 1.54
N GLU A 216 -24.03 9.07 0.97
CA GLU A 216 -24.39 9.95 -0.13
C GLU A 216 -24.66 9.21 -1.42
N ILE A 217 -23.97 8.11 -1.67
CA ILE A 217 -24.23 7.37 -2.91
C ILE A 217 -25.62 6.69 -2.90
N ASN A 218 -26.06 6.28 -1.71
CA ASN A 218 -27.45 5.87 -1.48
C ASN A 218 -27.93 4.91 -2.56
N ASN A 219 -27.14 3.85 -2.77
CA ASN A 219 -27.33 2.89 -3.83
C ASN A 219 -26.98 1.48 -3.31
N PRO A 220 -27.94 0.54 -3.44
CA PRO A 220 -27.72 -0.80 -2.87
C PRO A 220 -26.66 -1.65 -3.58
N GLU A 221 -26.16 -1.23 -4.72
CA GLU A 221 -25.05 -1.96 -5.36
C GLU A 221 -23.68 -1.61 -4.76
N SER A 222 -23.61 -0.58 -3.93
CA SER A 222 -22.34 -0.06 -3.41
C SER A 222 -21.92 -0.72 -2.10
N VAL A 223 -20.69 -1.19 -2.09
CA VAL A 223 -20.08 -1.71 -0.88
C VAL A 223 -20.10 -0.70 0.26
N TYR A 224 -19.75 0.54 -0.06
CA TYR A 224 -19.64 1.59 0.94
C TYR A 224 -20.99 2.09 1.45
N TYR A 225 -22.02 2.04 0.59
CA TYR A 225 -23.38 2.29 1.08
C TYR A 225 -23.76 1.31 2.20
N TRP A 226 -23.49 0.03 1.98
CA TRP A 226 -23.87 -0.97 2.94
C TRP A 226 -22.99 -0.92 4.18
N ALA A 227 -21.71 -0.59 4.03
CA ALA A 227 -20.81 -0.50 5.18
C ALA A 227 -21.29 0.52 6.22
N GLN A 228 -21.61 1.73 5.75
CA GLN A 228 -22.08 2.77 6.66
C GLN A 228 -23.46 2.44 7.22
N LYS A 229 -24.33 1.88 6.40
CA LYS A 229 -25.66 1.47 6.89
C LYS A 229 -25.58 0.45 8.01
N ASN A 230 -24.61 -0.47 7.93
CA ASN A 230 -24.42 -1.54 8.93
C ASN A 230 -23.33 -1.22 9.95
N HIS A 231 -22.79 -0.01 9.92
CA HIS A 231 -21.78 0.42 10.87
C HIS A 231 -20.53 -0.47 10.77
N ILE A 232 -20.12 -0.75 9.55
CA ILE A 232 -18.89 -1.44 9.32
C ILE A 232 -17.92 -0.35 8.92
N PRO A 233 -16.86 -0.14 9.74
CA PRO A 233 -15.91 0.91 9.44
C PRO A 233 -14.97 0.51 8.34
N VAL A 234 -14.57 1.48 7.54
CA VAL A 234 -13.68 1.27 6.42
C VAL A 234 -12.42 2.07 6.67
N PHE A 235 -11.27 1.43 6.63
CA PHE A 235 -10.02 2.10 6.92
C PHE A 235 -9.18 2.11 5.68
N SER A 236 -8.55 3.25 5.42
CA SER A 236 -7.82 3.45 4.18
C SER A 236 -6.99 4.71 4.23
N PRO A 237 -5.80 4.64 4.83
CA PRO A 237 -4.98 5.85 4.96
C PRO A 237 -4.42 6.36 3.61
N ALA A 238 -4.37 5.48 2.63
CA ALA A 238 -3.98 5.86 1.28
C ALA A 238 -5.18 6.28 0.44
N LEU A 239 -6.28 6.65 1.08
CA LEU A 239 -7.49 7.13 0.39
C LEU A 239 -7.27 8.23 -0.68
N THR A 240 -6.27 9.10 -0.47
CA THR A 240 -6.09 10.23 -1.35
C THR A 240 -4.97 10.06 -2.35
N ASP A 241 -4.46 8.84 -2.52
CA ASP A 241 -3.31 8.61 -3.40
C ASP A 241 -3.65 8.60 -4.88
N GLY A 242 -4.92 8.30 -5.19
CA GLY A 242 -5.39 8.19 -6.57
C GLY A 242 -6.32 9.32 -7.00
N SER A 243 -7.37 8.97 -7.76
CA SER A 243 -8.28 9.95 -8.38
C SER A 243 -9.16 10.76 -7.44
N LEU A 244 -9.71 10.11 -6.43
CA LEU A 244 -10.39 10.82 -5.36
C LEU A 244 -9.46 11.86 -4.76
N GLY A 245 -8.20 11.50 -4.61
CA GLY A 245 -7.19 12.41 -4.08
C GLY A 245 -6.93 13.61 -4.98
N ASP A 246 -6.83 13.36 -6.29
CA ASP A 246 -6.69 14.45 -7.25
C ASP A 246 -7.87 15.40 -7.09
N MET A 247 -9.07 14.85 -6.89
CA MET A 247 -10.23 15.72 -6.78
C MET A 247 -10.24 16.55 -5.48
N ILE A 248 -9.88 15.92 -4.36
CA ILE A 248 -9.79 16.60 -3.07
C ILE A 248 -8.73 17.72 -3.15
N PHE A 249 -7.63 17.41 -3.82
CA PHE A 249 -6.57 18.37 -4.07
C PHE A 249 -7.09 19.60 -4.83
N PHE A 250 -7.72 19.40 -5.99
CA PHE A 250 -8.21 20.54 -6.78
C PHE A 250 -9.26 21.32 -6.00
N HIS A 251 -10.17 20.59 -5.37
CA HIS A 251 -11.20 21.19 -4.53
C HIS A 251 -10.61 22.08 -3.44
N SER A 252 -9.45 21.70 -2.92
CA SER A 252 -8.86 22.43 -1.81
C SER A 252 -8.32 23.83 -2.22
N TYR A 253 -8.21 24.14 -3.50
CA TYR A 253 -7.86 25.51 -3.89
C TYR A 253 -9.06 26.43 -3.88
N LYS A 254 -10.22 25.95 -4.32
CA LYS A 254 -11.47 26.73 -4.27
C LYS A 254 -11.98 26.89 -2.85
N ASN A 255 -11.74 25.88 -2.00
CA ASN A 255 -12.35 25.81 -0.69
C ASN A 255 -11.43 25.09 0.29
N PRO A 256 -10.42 25.79 0.79
CA PRO A 256 -9.34 25.13 1.52
C PRO A 256 -9.65 24.77 2.97
N GLY A 257 -8.83 23.88 3.54
CA GLY A 257 -8.82 23.62 4.98
C GLY A 257 -9.34 22.27 5.43
N LEU A 258 -9.74 21.39 4.51
CA LEU A 258 -10.17 20.05 4.93
C LEU A 258 -8.96 19.35 5.57
N VAL A 259 -9.18 18.78 6.76
CA VAL A 259 -8.22 18.00 7.48
C VAL A 259 -8.74 16.55 7.59
N LEU A 260 -7.91 15.59 7.19
CA LEU A 260 -8.21 14.18 7.40
C LEU A 260 -7.17 13.59 8.34
N ASP A 261 -7.56 13.34 9.59
CA ASP A 261 -6.64 12.81 10.60
C ASP A 261 -6.58 11.29 10.46
N ILE A 262 -5.38 10.73 10.45
CA ILE A 262 -5.24 9.28 10.45
C ILE A 262 -5.05 8.70 11.83
N VAL A 263 -4.66 9.52 12.80
CA VAL A 263 -4.40 9.02 14.14
C VAL A 263 -5.69 8.53 14.82
N GLU A 264 -6.79 9.24 14.66
CA GLU A 264 -8.03 8.74 15.25
CA GLU A 264 -8.08 8.78 15.19
C GLU A 264 -8.42 7.42 14.56
N ASP A 265 -8.20 7.30 13.26
CA ASP A 265 -8.46 6.02 12.59
C ASP A 265 -7.50 4.92 13.08
N LEU A 266 -6.27 5.30 13.39
CA LEU A 266 -5.29 4.37 13.95
C LEU A 266 -5.82 3.76 15.24
N ARG A 267 -6.36 4.60 16.10
CA ARG A 267 -6.91 4.12 17.36
CA ARG A 267 -6.94 4.15 17.36
C ARG A 267 -8.14 3.23 17.12
N LEU A 268 -9.04 3.67 16.24
CA LEU A 268 -10.24 2.89 15.95
C LEU A 268 -9.94 1.48 15.41
N ILE A 269 -9.07 1.37 14.42
CA ILE A 269 -8.80 0.05 13.85
C ILE A 269 -8.14 -0.87 14.87
N ASN A 270 -7.14 -0.36 15.59
CA ASN A 270 -6.48 -1.19 16.60
C ASN A 270 -7.40 -1.63 17.74
N THR A 271 -8.31 -0.75 18.16
CA THR A 271 -9.24 -1.10 19.25
CA THR A 271 -9.30 -1.03 19.22
C THR A 271 -10.22 -2.21 18.88
N GLN A 272 -10.56 -2.30 17.60
CA GLN A 272 -11.39 -3.38 17.06
C GLN A 272 -10.72 -4.71 17.26
N ALA A 273 -9.41 -4.76 17.04
CA ALA A 273 -8.65 -5.97 17.28
C ALA A 273 -8.46 -6.25 18.75
N ILE A 274 -8.15 -5.21 19.53
CA ILE A 274 -7.83 -5.39 20.95
C ILE A 274 -9.01 -5.89 21.77
N PHE A 275 -10.20 -5.38 21.49
CA PHE A 275 -11.38 -5.80 22.24
C PHE A 275 -12.15 -6.96 21.63
N ALA A 276 -11.64 -7.58 20.57
CA ALA A 276 -12.31 -8.72 19.98
C ALA A 276 -12.16 -9.94 20.90
N LYS A 277 -13.19 -10.78 20.97
CA LYS A 277 -13.04 -12.09 21.62
C LYS A 277 -12.13 -13.01 20.78
N CYS A 278 -12.42 -13.04 19.49
CA CYS A 278 -11.63 -13.78 18.51
CA CYS A 278 -11.69 -13.81 18.49
C CYS A 278 -11.53 -12.91 17.27
N THR A 279 -10.47 -13.10 16.50
CA THR A 279 -10.27 -12.31 15.29
C THR A 279 -10.06 -13.19 14.08
N GLY A 280 -10.67 -12.81 12.99
CA GLY A 280 -10.45 -13.50 11.73
C GLY A 280 -10.02 -12.50 10.70
N MET A 281 -9.15 -12.92 9.81
CA MET A 281 -8.74 -12.08 8.71
C MET A 281 -8.90 -12.78 7.39
N ILE A 282 -9.41 -12.04 6.42
CA ILE A 282 -9.47 -12.47 5.04
C ILE A 282 -8.92 -11.30 4.25
N ILE A 283 -7.79 -11.54 3.61
CA ILE A 283 -7.07 -10.47 2.94
CA ILE A 283 -7.05 -10.48 2.95
C ILE A 283 -6.87 -10.88 1.51
N LEU A 284 -7.42 -10.08 0.60
CA LEU A 284 -7.35 -10.37 -0.83
C LEU A 284 -6.40 -9.42 -1.51
N GLY A 285 -5.40 -9.98 -2.16
CA GLY A 285 -4.59 -9.22 -3.11
C GLY A 285 -3.26 -8.71 -2.60
N GLY A 286 -2.98 -8.75 -1.31
CA GLY A 286 -1.61 -8.36 -0.83
C GLY A 286 -1.23 -6.88 -0.78
N GLY A 287 -0.38 -6.51 0.18
CA GLY A 287 -0.04 -5.10 0.47
C GLY A 287 -1.07 -4.30 1.27
N VAL A 288 -1.99 -4.99 1.96
CA VAL A 288 -3.15 -4.35 2.60
C VAL A 288 -2.93 -4.11 4.10
N VAL A 289 -2.34 -5.08 4.78
CA VAL A 289 -2.23 -5.06 6.23
C VAL A 289 -0.77 -5.40 6.60
N LYS A 290 -0.36 -5.06 7.82
CA LYS A 290 0.96 -5.41 8.38
C LYS A 290 0.90 -6.12 9.75
N HIS A 291 1.82 -7.07 9.97
CA HIS A 291 1.87 -7.92 11.19
C HIS A 291 2.94 -7.44 12.22
N HIS A 292 3.41 -8.37 13.07
CA HIS A 292 4.40 -8.10 14.13
C HIS A 292 3.83 -7.22 15.24
N GLY A 302 -1.41 -12.09 16.99
CA GLY A 302 -1.82 -12.76 15.76
C GLY A 302 -3.32 -12.99 15.65
N ALA A 303 -3.81 -13.12 14.42
CA ALA A 303 -5.20 -13.46 14.18
C ALA A 303 -5.46 -14.93 14.56
N ASP A 304 -6.63 -15.22 15.09
CA ASP A 304 -7.00 -16.59 15.41
C ASP A 304 -7.31 -17.40 14.16
N TYR A 305 -7.88 -16.76 13.15
CA TYR A 305 -8.12 -17.42 11.87
C TYR A 305 -7.69 -16.45 10.79
N ALA A 306 -7.04 -16.96 9.75
CA ALA A 306 -6.57 -16.07 8.68
C ALA A 306 -6.44 -16.80 7.35
N VAL A 307 -6.89 -16.12 6.29
CA VAL A 307 -6.77 -16.60 4.92
C VAL A 307 -6.27 -15.44 4.04
N TYR A 308 -5.23 -15.69 3.27
CA TYR A 308 -4.74 -14.73 2.32
C TYR A 308 -4.83 -15.36 0.95
N ILE A 309 -5.24 -14.55 -0.02
CA ILE A 309 -5.40 -14.97 -1.39
C ILE A 309 -4.74 -13.92 -2.25
N ASN A 310 -3.60 -14.26 -2.84
CA ASN A 310 -2.88 -13.35 -3.72
C ASN A 310 -1.83 -14.10 -4.52
N THR A 311 -1.25 -13.44 -5.50
CA THR A 311 -0.11 -14.04 -6.25
C THR A 311 1.21 -13.31 -6.01
N ALA A 312 1.38 -12.72 -4.83
CA ALA A 312 2.64 -12.08 -4.46
C ALA A 312 3.71 -13.14 -4.20
N GLN A 313 4.95 -12.85 -4.57
CA GLN A 313 6.06 -13.74 -4.28
C GLN A 313 6.74 -13.32 -2.98
N GLU A 314 7.41 -14.28 -2.37
CA GLU A 314 8.12 -14.06 -1.11
C GLU A 314 9.61 -13.72 -1.36
N PHE A 315 10.11 -13.99 -2.57
CA PHE A 315 11.57 -14.02 -2.79
C PHE A 315 12.27 -12.64 -2.86
N ASP A 316 11.50 -11.60 -3.13
CA ASP A 316 12.00 -10.21 -3.03
C ASP A 316 11.60 -9.55 -1.68
N GLY A 317 10.92 -10.30 -0.81
CA GLY A 317 10.55 -9.86 0.54
C GLY A 317 9.33 -8.94 0.65
N SER A 318 8.39 -9.07 -0.28
CA SER A 318 7.20 -8.19 -0.32
C SER A 318 5.99 -8.73 0.46
N GLN A 338 -2.88 -21.70 12.46
CA GLN A 338 -2.76 -22.36 11.15
C GLN A 338 -3.31 -21.49 9.98
N PRO A 339 -2.63 -20.37 9.69
CA PRO A 339 -3.07 -19.49 8.61
C PRO A 339 -2.86 -20.08 7.21
N VAL A 340 -3.75 -19.76 6.30
CA VAL A 340 -3.73 -20.33 4.97
C VAL A 340 -3.48 -19.25 3.95
N LYS A 341 -2.53 -19.51 3.07
CA LYS A 341 -2.34 -18.75 1.88
C LYS A 341 -2.71 -19.52 0.62
N VAL A 342 -3.61 -18.97 -0.19
CA VAL A 342 -3.91 -19.50 -1.49
C VAL A 342 -3.21 -18.63 -2.49
N TYR A 343 -2.28 -19.20 -3.26
CA TYR A 343 -1.60 -18.48 -4.33
C TYR A 343 -2.41 -18.58 -5.61
N ALA A 344 -3.28 -17.60 -5.80
CA ALA A 344 -4.20 -17.56 -6.93
C ALA A 344 -4.79 -16.16 -7.07
N ASP A 345 -5.29 -15.87 -8.25
CA ASP A 345 -6.03 -14.67 -8.53
C ASP A 345 -7.34 -14.78 -7.75
N ALA A 346 -7.60 -13.80 -6.90
CA ALA A 346 -8.78 -13.84 -6.04
C ALA A 346 -10.08 -13.78 -6.84
N SER A 347 -10.00 -13.30 -8.08
CA SER A 347 -11.18 -13.19 -8.94
C SER A 347 -11.75 -14.58 -9.27
N LEU A 348 -10.90 -15.61 -9.29
CA LEU A 348 -11.33 -17.00 -9.44
C LEU A 348 -11.76 -17.60 -8.10
N VAL A 349 -10.96 -17.37 -7.08
CA VAL A 349 -11.07 -18.13 -5.86
C VAL A 349 -12.10 -17.58 -4.88
N PHE A 350 -12.20 -16.26 -4.75
CA PHE A 350 -12.99 -15.71 -3.68
C PHE A 350 -14.50 -16.03 -3.83
N PRO A 351 -15.03 -16.02 -5.04
CA PRO A 351 -16.46 -16.36 -5.09
C PRO A 351 -16.73 -17.83 -4.79
N LEU A 352 -15.82 -18.72 -5.17
CA LEU A 352 -15.94 -20.11 -4.78
C LEU A 352 -15.82 -20.25 -3.26
N LEU A 353 -14.90 -19.52 -2.65
CA LEU A 353 -14.72 -19.59 -1.19
C LEU A 353 -15.99 -19.14 -0.50
N VAL A 354 -16.57 -18.05 -0.99
CA VAL A 354 -17.79 -17.52 -0.38
C VAL A 354 -18.97 -18.48 -0.52
N ALA A 355 -19.10 -19.09 -1.69
CA ALA A 355 -20.15 -20.07 -1.94
C ALA A 355 -20.15 -21.22 -0.93
N GLU A 356 -18.95 -21.68 -0.56
CA GLU A 356 -18.80 -22.79 0.38
C GLU A 356 -18.80 -22.41 1.86
N THR A 357 -18.82 -21.11 2.15
CA THR A 357 -18.65 -20.62 3.53
C THR A 357 -19.80 -19.68 3.89
N PHE A 358 -19.63 -18.39 3.66
CA PHE A 358 -20.62 -17.42 4.11
C PHE A 358 -22.02 -17.66 3.54
N ALA A 359 -22.10 -17.98 2.26
CA ALA A 359 -23.39 -18.21 1.58
C ALA A 359 -24.15 -19.44 2.09
N GLN A 360 -23.47 -20.42 2.66
CA GLN A 360 -24.14 -21.57 3.29
C GLN A 360 -24.83 -21.17 4.59
N LYS A 361 -24.37 -20.10 5.23
CA LYS A 361 -24.88 -19.70 6.53
C LYS A 361 -25.64 -18.40 6.47
N MET A 362 -26.03 -18.02 5.25
CA MET A 362 -26.82 -16.83 4.94
C MET A 362 -27.97 -16.55 5.95
N ASP A 363 -28.81 -17.55 6.22
CA ASP A 363 -29.96 -17.32 7.09
C ASP A 363 -29.59 -16.97 8.53
N ALA A 364 -28.51 -17.55 9.02
CA ALA A 364 -28.02 -17.27 10.37
C ALA A 364 -27.68 -15.80 10.49
N PHE A 365 -27.24 -15.20 9.39
CA PHE A 365 -26.93 -13.76 9.36
C PHE A 365 -28.16 -12.90 9.02
N MET A 366 -29.31 -13.54 8.76
CA MET A 366 -30.63 -12.88 8.68
C MET A 366 -31.60 -13.47 9.71
N SER B 31 17.19 -1.93 -36.35
CA SER B 31 17.41 -3.37 -36.04
C SER B 31 18.72 -3.64 -35.29
N THR B 32 18.67 -3.71 -33.97
CA THR B 32 19.88 -4.10 -33.22
C THR B 32 19.96 -5.63 -33.05
N GLN B 33 21.14 -6.17 -33.27
CA GLN B 33 21.33 -7.60 -33.19
C GLN B 33 21.56 -8.03 -31.75
N VAL B 34 20.98 -9.16 -31.39
CA VAL B 34 21.18 -9.79 -30.09
C VAL B 34 22.60 -10.30 -29.98
N ARG B 35 23.30 -9.89 -28.94
CA ARG B 35 24.69 -10.23 -28.74
C ARG B 35 25.02 -10.02 -27.25
N GLY B 36 25.59 -11.04 -26.63
CA GLY B 36 25.99 -10.95 -25.22
C GLY B 36 27.42 -10.49 -25.11
N TYR B 37 27.84 -10.14 -23.88
CA TYR B 37 29.21 -9.78 -23.62
C TYR B 37 30.11 -10.98 -23.88
N ASP B 38 31.24 -10.74 -24.54
CA ASP B 38 32.21 -11.77 -24.84
C ASP B 38 33.38 -11.74 -23.86
N PHE B 39 33.42 -12.75 -22.98
CA PHE B 39 34.45 -12.79 -21.94
C PHE B 39 35.86 -13.10 -22.48
N ASN B 40 35.98 -13.39 -23.78
CA ASN B 40 37.33 -13.43 -24.42
C ASN B 40 38.00 -12.03 -24.47
N ARG B 41 37.20 -10.97 -24.29
CA ARG B 41 37.74 -9.62 -24.04
C ARG B 41 38.35 -9.44 -22.65
N GLY B 42 38.12 -10.40 -21.75
CA GLY B 42 38.45 -10.27 -20.33
C GLY B 42 37.27 -9.66 -19.61
N VAL B 43 37.53 -9.07 -18.44
CA VAL B 43 36.46 -8.50 -17.63
C VAL B 43 36.56 -6.97 -17.47
N ASN B 44 35.79 -6.27 -18.31
CA ASN B 44 35.57 -4.85 -18.14
C ASN B 44 34.12 -4.67 -17.72
N TYR B 45 33.92 -4.25 -16.46
CA TYR B 45 32.58 -4.16 -15.88
C TYR B 45 31.68 -3.12 -16.57
N ARG B 46 32.25 -2.01 -17.03
CA ARG B 46 31.45 -1.06 -17.75
C ARG B 46 30.93 -1.71 -19.04
N ALA B 47 31.80 -2.40 -19.75
CA ALA B 47 31.42 -3.00 -21.01
C ALA B 47 30.45 -4.16 -20.78
N LEU B 48 30.69 -4.96 -19.75
CA LEU B 48 29.74 -5.99 -19.36
C LEU B 48 28.32 -5.41 -19.15
N LEU B 49 28.20 -4.34 -18.39
CA LEU B 49 26.89 -3.77 -18.09
C LEU B 49 26.27 -3.13 -19.33
N GLU B 50 27.08 -2.48 -20.16
CA GLU B 50 26.59 -1.95 -21.45
C GLU B 50 26.03 -3.08 -22.33
N ALA B 51 26.65 -4.25 -22.32
CA ALA B 51 26.19 -5.36 -23.17
C ALA B 51 24.83 -5.98 -22.74
N PHE B 52 24.38 -5.71 -21.52
CA PHE B 52 23.04 -6.11 -21.11
C PHE B 52 22.00 -5.57 -22.12
N GLY B 53 22.23 -4.38 -22.67
CA GLY B 53 21.34 -3.77 -23.65
C GLY B 53 21.02 -4.65 -24.84
N THR B 54 22.01 -5.41 -25.30
CA THR B 54 21.84 -6.31 -26.45
C THR B 54 21.70 -7.79 -26.10
N THR B 55 21.59 -8.11 -24.81
CA THR B 55 21.50 -9.49 -24.38
C THR B 55 20.08 -10.05 -24.50
N GLY B 56 19.07 -9.19 -24.37
CA GLY B 56 17.69 -9.62 -24.51
C GLY B 56 16.99 -9.75 -23.16
N PHE B 57 15.67 -9.97 -23.17
CA PHE B 57 14.88 -10.17 -21.95
C PHE B 57 15.13 -9.03 -20.97
N GLN B 58 15.21 -9.31 -19.67
CA GLN B 58 15.26 -8.25 -18.71
C GLN B 58 16.58 -7.52 -18.72
N ALA B 59 17.63 -8.16 -19.23
CA ALA B 59 18.91 -7.46 -19.39
C ALA B 59 18.73 -6.28 -20.36
N THR B 60 17.98 -6.47 -21.41
CA THR B 60 17.70 -5.38 -22.34
C THR B 60 16.88 -4.27 -21.63
N ASN B 61 15.87 -4.65 -20.87
CA ASN B 61 15.13 -3.66 -20.09
C ASN B 61 16.03 -2.90 -19.14
N PHE B 62 16.95 -3.59 -18.51
CA PHE B 62 17.94 -2.94 -17.67
C PHE B 62 18.69 -1.88 -18.47
N GLY B 63 19.13 -2.24 -19.68
CA GLY B 63 19.81 -1.27 -20.56
C GLY B 63 18.97 -0.05 -20.88
N ARG B 64 17.67 -0.28 -21.13
CA ARG B 64 16.76 0.81 -21.41
C ARG B 64 16.54 1.67 -20.15
N ALA B 65 16.58 1.05 -18.98
CA ALA B 65 16.41 1.79 -17.74
C ALA B 65 17.60 2.72 -17.50
N VAL B 66 18.81 2.24 -17.79
CA VAL B 66 20.01 3.08 -17.72
C VAL B 66 19.88 4.31 -18.62
N GLN B 67 19.39 4.12 -19.83
CA GLN B 67 19.18 5.24 -20.77
C GLN B 67 18.18 6.24 -20.20
N GLN B 68 17.06 5.74 -19.67
CA GLN B 68 16.00 6.63 -19.15
C GLN B 68 16.47 7.44 -17.96
N VAL B 69 17.26 6.81 -17.08
CA VAL B 69 17.73 7.50 -15.88
C VAL B 69 18.83 8.51 -16.26
N ASN B 70 19.69 8.16 -17.21
CA ASN B 70 20.69 9.12 -17.70
C ASN B 70 20.03 10.31 -18.39
N ALA B 71 18.94 10.09 -19.10
CA ALA B 71 18.22 11.22 -19.69
C ALA B 71 17.58 12.08 -18.59
N MET B 72 17.08 11.48 -17.50
CA MET B 72 16.58 12.24 -16.36
C MET B 72 17.67 13.12 -15.80
N ILE B 73 18.81 12.51 -15.55
CA ILE B 73 19.92 13.20 -14.92
C ILE B 73 20.35 14.36 -15.81
N GLU B 74 20.53 14.12 -17.11
CA GLU B 74 20.96 15.19 -18.02
C GLU B 74 19.98 16.35 -18.09
N LYS B 75 18.70 16.06 -18.07
CA LYS B 75 17.70 17.11 -18.00
C LYS B 75 17.80 17.84 -16.66
N LYS B 76 17.98 17.13 -15.55
CA LYS B 76 18.17 17.77 -14.25
C LYS B 76 19.35 18.75 -14.25
N LEU B 77 20.44 18.40 -14.92
CA LEU B 77 21.64 19.25 -14.93
C LEU B 77 21.57 20.42 -15.91
N GLU B 78 20.58 20.47 -16.79
CA GLU B 78 20.39 21.66 -17.66
C GLU B 78 20.03 22.88 -16.83
N PRO B 79 20.72 24.01 -17.07
CA PRO B 79 20.43 25.25 -16.33
C PRO B 79 19.01 25.78 -16.58
N LEU B 80 18.49 26.53 -15.62
CA LEU B 80 17.12 27.04 -15.69
C LEU B 80 16.97 28.42 -16.31
N SER B 81 17.47 29.44 -15.62
CA SER B 81 17.24 30.85 -15.98
C SER B 81 15.75 31.22 -15.81
N GLN B 82 15.15 30.78 -14.69
CA GLN B 82 13.74 31.05 -14.36
C GLN B 82 13.55 31.18 -12.84
N THR B 91 4.10 26.10 -4.23
CA THR B 91 4.50 24.78 -3.74
C THR B 91 4.61 24.71 -2.20
N GLN B 92 4.72 25.86 -1.53
CA GLN B 92 4.93 25.91 -0.07
C GLN B 92 6.17 25.10 0.36
N SER B 93 7.25 25.19 -0.43
CA SER B 93 8.47 24.40 -0.22
C SER B 93 9.75 25.22 -0.39
N ARG B 94 10.74 24.95 0.45
CA ARG B 94 12.05 25.63 0.38
C ARG B 94 12.93 25.16 -0.78
N ARG B 95 12.77 23.91 -1.20
CA ARG B 95 13.66 23.28 -2.17
C ARG B 95 13.66 24.01 -3.54
N PRO B 96 14.85 24.46 -4.00
CA PRO B 96 14.90 25.13 -5.30
C PRO B 96 14.54 24.22 -6.48
N LEU B 97 13.80 24.78 -7.43
CA LEU B 97 13.40 24.08 -8.64
C LEU B 97 14.63 23.77 -9.51
N THR B 98 14.65 22.59 -10.14
CA THR B 98 15.65 22.27 -11.14
C THR B 98 14.92 21.93 -12.43
N SER B 99 15.67 21.58 -13.47
CA SER B 99 15.05 21.33 -14.76
C SER B 99 14.34 19.96 -14.86
N CYS B 100 14.55 19.09 -13.87
CA CYS B 100 13.79 17.83 -13.77
C CYS B 100 13.64 17.39 -12.32
N THR B 101 12.40 17.31 -11.87
CA THR B 101 12.08 16.86 -10.51
C THR B 101 11.95 15.33 -10.50
N ILE B 102 12.80 14.68 -9.72
CA ILE B 102 12.85 13.22 -9.71
C ILE B 102 12.21 12.68 -8.41
N PHE B 103 11.20 11.83 -8.59
CA PHE B 103 10.50 11.18 -7.49
C PHE B 103 11.07 9.77 -7.33
N LEU B 104 11.56 9.43 -6.15
CA LEU B 104 12.04 8.09 -5.88
C LEU B 104 11.11 7.38 -4.89
N GLY B 105 10.41 6.35 -5.40
CA GLY B 105 9.49 5.53 -4.63
C GLY B 105 10.07 4.15 -4.31
N TYR B 106 9.78 3.65 -3.12
CA TYR B 106 10.29 2.36 -2.68
C TYR B 106 9.42 1.78 -1.54
N THR B 107 9.32 0.45 -1.55
CA THR B 107 8.64 -0.33 -0.53
C THR B 107 9.56 -0.49 0.70
N SER B 108 8.95 -0.72 1.87
CA SER B 108 9.68 -0.86 3.13
CA SER B 108 9.70 -0.83 3.11
C SER B 108 10.75 -1.93 3.09
N ASN B 109 10.42 -3.05 2.48
CA ASN B 109 11.35 -4.18 2.45
C ASN B 109 12.72 -3.79 1.85
N LEU B 110 12.73 -2.85 0.92
CA LEU B 110 14.00 -2.38 0.35
C LEU B 110 14.80 -1.56 1.33
N ILE B 111 14.11 -0.93 2.27
CA ILE B 111 14.76 -0.20 3.34
C ILE B 111 15.31 -1.15 4.37
N SER B 112 14.67 -2.30 4.55
CA SER B 112 15.21 -3.34 5.42
C SER B 112 16.46 -3.93 4.78
N SER B 113 16.48 -4.00 3.44
CA SER B 113 17.63 -4.53 2.74
C SER B 113 18.82 -3.55 2.72
N GLY B 114 19.91 -3.96 2.08
CA GLY B 114 21.08 -3.09 1.87
C GLY B 114 20.83 -1.95 0.88
N ILE B 115 19.70 -2.00 0.17
CA ILE B 115 19.31 -0.92 -0.75
C ILE B 115 19.12 0.40 -0.02
N ARG B 116 18.89 0.29 1.28
CA ARG B 116 18.88 1.46 2.17
C ARG B 116 20.12 2.32 1.99
N GLU B 117 21.30 1.70 1.85
CA GLU B 117 22.55 2.43 1.58
C GLU B 117 22.56 3.14 0.23
N THR B 118 22.01 2.47 -0.78
CA THR B 118 21.92 3.01 -2.12
C THR B 118 21.03 4.20 -2.14
N ILE B 119 19.87 4.07 -1.51
CA ILE B 119 18.90 5.17 -1.43
C ILE B 119 19.47 6.34 -0.62
N ARG B 120 20.14 6.04 0.48
CA ARG B 120 20.70 7.09 1.30
C ARG B 120 21.73 7.92 0.52
N TYR B 121 22.56 7.24 -0.27
CA TYR B 121 23.57 7.89 -1.11
C TYR B 121 22.92 8.91 -2.04
N LEU B 122 21.87 8.49 -2.72
CA LEU B 122 21.21 9.42 -3.63
C LEU B 122 20.68 10.63 -2.88
N VAL B 123 20.18 10.40 -1.66
CA VAL B 123 19.47 11.44 -0.95
C VAL B 123 20.51 12.39 -0.39
N GLN B 124 21.56 11.80 0.17
CA GLN B 124 22.73 12.53 0.66
C GLN B 124 23.29 13.55 -0.33
N HIS B 125 23.34 13.19 -1.60
CA HIS B 125 23.95 14.06 -2.61
C HIS B 125 22.91 14.82 -3.43
N ASN B 126 21.68 14.89 -2.94
CA ASN B 126 20.61 15.67 -3.59
C ASN B 126 20.29 15.26 -4.98
N MET B 127 20.33 13.97 -5.27
CA MET B 127 20.17 13.51 -6.65
C MET B 127 18.72 13.24 -6.97
N VAL B 128 17.88 13.14 -5.92
CA VAL B 128 16.44 13.08 -6.11
C VAL B 128 15.77 14.19 -5.33
N ASP B 129 14.50 14.49 -5.66
CA ASP B 129 13.82 15.64 -5.10
C ASP B 129 12.71 15.30 -4.12
N VAL B 130 12.08 14.13 -4.29
CA VAL B 130 10.97 13.70 -3.46
C VAL B 130 11.05 12.20 -3.20
N LEU B 131 10.79 11.80 -1.96
CA LEU B 131 10.73 10.39 -1.62
C LEU B 131 9.29 9.96 -1.34
N VAL B 132 8.94 8.75 -1.77
CA VAL B 132 7.67 8.14 -1.41
C VAL B 132 7.89 6.70 -0.94
N THR B 133 7.23 6.33 0.14
CA THR B 133 7.35 4.98 0.64
C THR B 133 6.06 4.43 1.21
N THR B 134 6.11 3.18 1.63
CA THR B 134 4.94 2.46 2.14
C THR B 134 5.13 2.13 3.64
N ALA B 135 4.12 1.53 4.23
CA ALA B 135 4.12 1.21 5.66
C ALA B 135 5.39 0.47 6.02
N GLY B 136 6.12 0.95 7.01
CA GLY B 136 7.35 0.31 7.48
C GLY B 136 8.59 1.03 7.00
N GLY B 137 8.45 1.75 5.88
CA GLY B 137 9.59 2.33 5.20
C GLY B 137 10.35 3.42 5.91
N VAL B 138 9.74 4.01 6.93
CA VAL B 138 10.39 5.03 7.72
C VAL B 138 11.15 4.40 8.86
N GLU B 139 10.42 3.66 9.69
CA GLU B 139 11.02 3.09 10.90
C GLU B 139 12.11 2.06 10.61
N GLU B 140 12.06 1.35 9.50
CA GLU B 140 13.16 0.39 9.23
C GLU B 140 14.54 1.10 9.02
N ASP B 141 14.56 2.33 8.50
CA ASP B 141 15.79 3.12 8.41
C ASP B 141 16.29 3.60 9.78
N LEU B 142 15.36 4.00 10.64
CA LEU B 142 15.74 4.63 11.91
C LEU B 142 16.27 3.59 12.86
N ILE B 143 15.60 2.45 12.86
CA ILE B 143 15.96 1.33 13.70
C ILE B 143 17.37 0.79 13.43
N LYS B 144 17.75 0.73 12.16
CA LYS B 144 19.10 0.35 11.77
C LYS B 144 20.17 1.31 12.32
N CYS B 145 19.79 2.53 12.67
CA CYS B 145 20.72 3.40 13.38
C CYS B 145 20.95 3.01 14.83
N LEU B 146 20.00 2.27 15.43
CA LEU B 146 20.13 1.88 16.85
C LEU B 146 20.67 0.46 17.03
N ALA B 147 20.43 -0.40 16.05
CA ALA B 147 20.87 -1.80 16.12
C ALA B 147 20.75 -2.40 14.73
N PRO B 148 21.56 -3.43 14.46
CA PRO B 148 21.59 -3.94 13.13
C PRO B 148 20.51 -4.94 12.78
N THR B 149 20.22 -5.01 11.47
CA THR B 149 19.50 -6.10 10.84
C THR B 149 20.48 -7.17 10.37
N TYR B 150 20.06 -8.43 10.42
CA TYR B 150 20.95 -9.56 10.18
C TYR B 150 20.51 -10.40 8.99
N LEU B 151 21.45 -11.12 8.39
CA LEU B 151 21.11 -12.10 7.35
C LEU B 151 20.74 -13.46 7.92
N GLY B 152 19.58 -13.98 7.53
CA GLY B 152 19.14 -15.34 7.90
C GLY B 152 18.92 -16.16 6.64
N GLU B 153 17.75 -16.80 6.51
CA GLU B 153 17.39 -17.63 5.34
C GLU B 153 15.89 -17.51 4.96
N PHE B 154 15.55 -17.89 3.73
CA PHE B 154 14.15 -18.09 3.31
C PHE B 154 13.67 -19.46 3.83
N GLU B 160 10.14 -21.44 15.59
CA GLU B 160 11.45 -21.27 16.23
C GLU B 160 11.89 -19.79 16.31
N LEU B 161 11.48 -18.99 15.32
CA LEU B 161 11.88 -17.58 15.24
C LEU B 161 11.19 -16.67 16.27
N ARG B 162 9.92 -16.94 16.57
CA ARG B 162 9.15 -16.15 17.56
C ARG B 162 9.71 -16.29 18.99
N GLU B 163 10.19 -17.49 19.32
CA GLU B 163 10.70 -17.78 20.68
C GLU B 163 12.04 -17.10 21.01
N ASN B 164 12.87 -16.84 20.00
CA ASN B 164 14.09 -16.02 20.16
C ASN B 164 13.82 -14.50 20.05
N GLY B 165 12.59 -14.14 19.68
CA GLY B 165 12.18 -12.74 19.48
C GLY B 165 12.80 -12.12 18.23
N ILE B 166 12.29 -12.51 17.05
CA ILE B 166 12.88 -12.14 15.74
C ILE B 166 11.81 -11.93 14.65
N ASN B 167 11.80 -10.77 14.02
CA ASN B 167 10.91 -10.50 12.89
C ASN B 167 11.63 -10.82 11.56
N ARG B 168 11.11 -11.80 10.83
CA ARG B 168 11.72 -12.23 9.57
C ARG B 168 11.09 -11.46 8.41
N ILE B 169 11.94 -10.94 7.53
CA ILE B 169 11.49 -10.21 6.32
C ILE B 169 12.27 -10.80 5.17
N GLY B 170 11.68 -11.75 4.45
CA GLY B 170 12.40 -12.50 3.44
C GLY B 170 13.51 -13.29 4.11
N ASN B 171 14.75 -13.08 3.67
CA ASN B 171 15.89 -13.73 4.32
C ASN B 171 16.62 -12.80 5.31
N LEU B 172 15.96 -11.74 5.74
CA LEU B 172 16.46 -10.81 6.74
C LEU B 172 15.84 -11.06 8.13
N LEU B 173 16.62 -10.78 9.19
CA LEU B 173 16.20 -10.95 10.58
C LEU B 173 16.36 -9.64 11.37
N VAL B 174 15.27 -9.16 11.95
CA VAL B 174 15.29 -8.03 12.85
C VAL B 174 14.87 -8.51 14.25
N PRO B 175 15.81 -8.54 15.22
CA PRO B 175 15.41 -8.87 16.59
C PRO B 175 14.36 -7.92 17.11
N ASN B 176 13.46 -8.44 17.94
CA ASN B 176 12.41 -7.62 18.55
C ASN B 176 12.95 -6.55 19.45
N GLU B 177 14.10 -6.83 20.07
CA GLU B 177 14.83 -5.86 20.87
C GLU B 177 15.09 -4.56 20.12
N ASN B 178 15.34 -4.63 18.80
CA ASN B 178 15.54 -3.44 18.00
C ASN B 178 14.32 -2.51 18.06
N TYR B 179 13.13 -3.09 17.96
CA TYR B 179 11.89 -2.29 18.05
C TYR B 179 11.69 -1.72 19.44
N CYS B 180 12.12 -2.46 20.47
CA CYS B 180 12.07 -1.96 21.85
C CYS B 180 12.98 -0.74 22.04
N LYS B 181 14.19 -0.80 21.48
CA LYS B 181 15.12 0.34 21.54
C LYS B 181 14.55 1.53 20.80
N PHE B 182 13.95 1.27 19.65
CA PHE B 182 13.33 2.34 18.87
C PHE B 182 12.19 2.99 19.60
N GLU B 183 11.39 2.18 20.28
CA GLU B 183 10.28 2.71 21.06
C GLU B 183 10.76 3.67 22.15
N ASP B 184 11.78 3.26 22.89
CA ASP B 184 12.34 4.11 23.95
C ASP B 184 12.80 5.45 23.39
N TRP B 185 13.52 5.40 22.28
CA TRP B 185 14.01 6.57 21.59
C TRP B 185 12.85 7.46 21.12
N LEU B 186 11.78 6.84 20.65
CA LEU B 186 10.67 7.60 20.03
C LEU B 186 9.77 8.35 21.02
N MET B 187 9.49 7.75 22.17
CA MET B 187 8.46 8.32 23.09
C MET B 187 8.66 9.83 23.41
N PRO B 188 9.87 10.22 23.86
CA PRO B 188 10.08 11.64 24.20
C PRO B 188 9.99 12.59 22.99
N ILE B 189 10.26 12.07 21.80
CA ILE B 189 10.05 12.86 20.58
C ILE B 189 8.56 13.08 20.31
N LEU B 190 7.76 12.04 20.42
CA LEU B 190 6.31 12.21 20.34
C LEU B 190 5.78 13.17 21.41
N ASP B 191 6.32 13.11 22.63
CA ASP B 191 5.91 14.08 23.69
C ASP B 191 6.14 15.51 23.21
N GLN B 192 7.34 15.76 22.66
CA GLN B 192 7.68 17.10 22.19
C GLN B 192 6.75 17.50 21.04
N MET B 193 6.42 16.54 20.19
CA MET B 193 5.60 16.79 19.01
C MET B 193 4.19 17.22 19.40
N VAL B 194 3.61 16.51 20.37
CA VAL B 194 2.27 16.90 20.85
C VAL B 194 2.31 18.30 21.48
N MET B 195 3.34 18.55 22.29
CA MET B 195 3.46 19.88 22.93
C MET B 195 3.53 20.98 21.87
N GLU B 196 4.38 20.80 20.86
CA GLU B 196 4.53 21.83 19.82
C GLU B 196 3.27 22.05 18.98
N GLN B 197 2.49 21.00 18.83
CA GLN B 197 1.24 21.08 18.12
C GLN B 197 0.26 22.00 18.87
N ASN B 198 0.16 21.75 20.17
CA ASN B 198 -0.83 22.43 20.98
C ASN B 198 -0.39 23.79 21.49
N THR B 199 0.90 24.09 21.46
CA THR B 199 1.38 25.40 21.90
C THR B 199 2.06 26.28 20.85
N GLU B 200 2.66 25.69 19.82
CA GLU B 200 3.35 26.46 18.78
C GLU B 200 2.61 26.43 17.43
N GLY B 201 1.39 25.93 17.45
CA GLY B 201 0.56 25.88 16.25
C GLY B 201 1.04 24.93 15.15
N VAL B 202 1.98 24.03 15.45
CA VAL B 202 2.47 23.12 14.42
C VAL B 202 1.35 22.18 13.97
N LYS B 203 1.19 22.06 12.66
CA LYS B 203 0.16 21.19 12.08
C LYS B 203 0.87 20.00 11.45
N TRP B 204 0.94 18.90 12.20
CA TRP B 204 1.72 17.75 11.79
C TRP B 204 1.09 16.96 10.62
N THR B 205 1.95 16.50 9.72
CA THR B 205 1.59 15.60 8.64
C THR B 205 2.64 14.51 8.62
N PRO B 206 2.40 13.44 7.87
CA PRO B 206 3.45 12.42 7.89
C PRO B 206 4.81 12.95 7.43
N SER B 207 4.83 13.75 6.37
CA SER B 207 6.10 14.29 5.89
C SER B 207 6.82 15.14 6.91
N LYS B 208 6.10 15.99 7.65
CA LYS B 208 6.76 16.78 8.71
C LYS B 208 7.26 15.93 9.86
N MET B 209 6.53 14.85 10.14
CA MET B 209 6.96 13.94 11.20
C MET B 209 8.23 13.21 10.79
N ILE B 210 8.28 12.77 9.54
CA ILE B 210 9.43 12.06 9.02
C ILE B 210 10.66 12.97 9.00
N ALA B 211 10.48 14.25 8.68
CA ALA B 211 11.60 15.19 8.75
C ALA B 211 12.08 15.28 10.20
N ARG B 212 11.15 15.36 11.14
CA ARG B 212 11.54 15.52 12.53
C ARG B 212 12.32 14.31 12.99
N LEU B 213 11.86 13.12 12.64
CA LEU B 213 12.50 11.89 13.07
C LEU B 213 13.89 11.78 12.47
N GLY B 214 14.02 12.18 11.20
CA GLY B 214 15.32 12.23 10.53
C GLY B 214 16.29 13.16 11.24
N LYS B 215 15.80 14.34 11.61
CA LYS B 215 16.63 15.30 12.34
C LYS B 215 17.03 14.75 13.71
N GLU B 216 16.07 14.12 14.40
CA GLU B 216 16.35 13.59 15.71
C GLU B 216 17.36 12.44 15.67
N ILE B 217 17.28 11.56 14.67
CA ILE B 217 18.17 10.40 14.66
C ILE B 217 19.62 10.86 14.50
N ASN B 218 19.80 11.96 13.78
CA ASN B 218 21.09 12.65 13.74
C ASN B 218 22.22 11.66 13.45
N ASN B 219 22.11 10.98 12.33
CA ASN B 219 23.06 9.95 12.01
C ASN B 219 23.21 9.88 10.50
N PRO B 220 24.46 10.01 10.00
CA PRO B 220 24.70 10.05 8.56
C PRO B 220 24.47 8.73 7.80
N GLU B 221 24.17 7.65 8.48
CA GLU B 221 23.74 6.42 7.79
C GLU B 221 22.23 6.37 7.47
N SER B 222 21.45 7.30 8.02
CA SER B 222 20.00 7.35 7.85
C SER B 222 19.61 8.09 6.58
N VAL B 223 18.75 7.47 5.79
CA VAL B 223 18.13 8.12 4.64
C VAL B 223 17.44 9.39 5.07
N TYR B 224 16.67 9.27 6.15
CA TYR B 224 15.77 10.36 6.59
C TYR B 224 16.49 11.53 7.25
N TYR B 225 17.60 11.26 7.92
CA TYR B 225 18.50 12.33 8.34
C TYR B 225 18.93 13.17 7.13
N TRP B 226 19.37 12.51 6.06
CA TRP B 226 19.84 13.25 4.87
C TRP B 226 18.72 13.96 4.14
N ALA B 227 17.53 13.36 4.15
CA ALA B 227 16.40 13.92 3.43
C ALA B 227 16.00 15.25 4.06
N GLN B 228 15.87 15.31 5.39
CA GLN B 228 15.53 16.57 6.02
C GLN B 228 16.67 17.62 5.94
N LYS B 229 17.91 17.16 6.05
CA LYS B 229 19.04 18.05 5.88
C LYS B 229 19.02 18.71 4.51
N ASN B 230 18.64 17.98 3.44
CA ASN B 230 18.64 18.51 2.06
C ASN B 230 17.27 18.96 1.56
N HIS B 231 16.30 19.02 2.47
CA HIS B 231 14.94 19.48 2.15
C HIS B 231 14.29 18.65 1.06
N ILE B 232 14.46 17.34 1.18
CA ILE B 232 13.79 16.40 0.30
C ILE B 232 12.60 15.86 1.08
N PRO B 233 11.37 16.20 0.68
CA PRO B 233 10.24 15.75 1.48
C PRO B 233 9.97 14.25 1.29
N VAL B 234 9.46 13.61 2.32
CA VAL B 234 9.15 12.19 2.29
C VAL B 234 7.67 12.04 2.52
N PHE B 235 7.01 11.33 1.61
CA PHE B 235 5.58 11.15 1.74
C PHE B 235 5.23 9.69 2.03
N SER B 236 4.31 9.49 2.96
CA SER B 236 3.85 8.16 3.32
C SER B 236 2.54 8.20 4.11
N PRO B 237 1.40 8.22 3.41
CA PRO B 237 0.14 8.21 4.15
C PRO B 237 -0.04 6.95 5.04
N ALA B 238 0.62 5.85 4.68
CA ALA B 238 0.49 4.59 5.38
C ALA B 238 1.56 4.43 6.46
N LEU B 239 2.06 5.57 6.93
CA LEU B 239 3.12 5.68 7.92
C LEU B 239 2.80 4.92 9.23
N THR B 240 1.51 4.89 9.61
CA THR B 240 1.11 4.29 10.86
C THR B 240 0.55 2.86 10.72
N ASP B 241 0.67 2.23 9.56
CA ASP B 241 0.09 0.91 9.37
C ASP B 241 0.84 -0.23 10.05
N GLY B 242 2.11 -0.01 10.36
CA GLY B 242 2.95 -1.05 10.97
C GLY B 242 3.43 -0.70 12.37
N SER B 243 4.69 -1.05 12.65
CA SER B 243 5.27 -0.91 13.99
C SER B 243 5.32 0.51 14.55
N LEU B 244 5.71 1.46 13.70
CA LEU B 244 5.69 2.86 14.10
C LEU B 244 4.25 3.27 14.50
N GLY B 245 3.27 2.79 13.75
CA GLY B 245 1.89 3.04 14.10
C GLY B 245 1.50 2.47 15.45
N ASP B 246 1.90 1.22 15.73
CA ASP B 246 1.62 0.58 17.01
C ASP B 246 2.10 1.44 18.18
N MET B 247 3.29 2.01 18.03
CA MET B 247 3.90 2.82 19.05
C MET B 247 3.25 4.19 19.20
N ILE B 248 2.85 4.78 18.08
CA ILE B 248 2.06 5.99 18.10
C ILE B 248 0.72 5.70 18.78
N PHE B 249 0.15 4.54 18.50
CA PHE B 249 -1.09 4.13 19.09
C PHE B 249 -0.96 4.06 20.62
N PHE B 250 0.03 3.32 21.13
CA PHE B 250 0.20 3.21 22.59
C PHE B 250 0.56 4.58 23.18
N HIS B 251 1.45 5.30 22.53
CA HIS B 251 1.78 6.62 23.00
C HIS B 251 0.54 7.48 23.15
N SER B 252 -0.45 7.34 22.27
CA SER B 252 -1.61 8.24 22.32
C SER B 252 -2.46 8.07 23.58
N TYR B 253 -2.33 6.95 24.27
CA TYR B 253 -3.03 6.81 25.56
C TYR B 253 -2.19 7.39 26.70
N LYS B 254 -0.87 7.37 26.56
CA LYS B 254 0.00 8.02 27.55
C LYS B 254 -0.01 9.54 27.41
N ASN B 255 -0.14 10.04 26.18
CA ASN B 255 -0.11 11.47 25.90
C ASN B 255 -1.04 11.80 24.75
N PRO B 256 -2.35 11.85 25.00
CA PRO B 256 -3.30 12.09 23.90
C PRO B 256 -3.13 13.43 23.21
N GLY B 257 -3.58 13.50 21.96
CA GLY B 257 -3.69 14.77 21.23
C GLY B 257 -3.11 14.79 19.83
N LEU B 258 -2.12 13.94 19.55
CA LEU B 258 -1.46 14.00 18.24
C LEU B 258 -2.42 13.85 17.05
N VAL B 259 -2.30 14.78 16.10
CA VAL B 259 -3.04 14.76 14.84
C VAL B 259 -2.07 14.71 13.64
N LEU B 260 -2.32 13.81 12.69
CA LEU B 260 -1.52 13.71 11.46
C LEU B 260 -2.46 13.90 10.27
N ASP B 261 -2.34 15.06 9.64
CA ASP B 261 -3.20 15.38 8.53
C ASP B 261 -2.56 14.88 7.24
N ILE B 262 -3.34 14.21 6.40
CA ILE B 262 -2.85 13.83 5.08
C ILE B 262 -3.22 14.82 3.97
N VAL B 263 -4.18 15.71 4.17
CA VAL B 263 -4.55 16.62 3.08
C VAL B 263 -3.46 17.65 2.73
N GLU B 264 -2.78 18.18 3.74
CA GLU B 264 -1.66 19.08 3.51
C GLU B 264 -0.54 18.36 2.75
N ASP B 265 -0.27 17.11 3.09
CA ASP B 265 0.76 16.34 2.35
C ASP B 265 0.34 16.10 0.91
N LEU B 266 -0.97 15.86 0.71
CA LEU B 266 -1.54 15.71 -0.61
C LEU B 266 -1.23 16.95 -1.49
N ARG B 267 -1.44 18.13 -0.92
CA ARG B 267 -1.16 19.37 -1.60
C ARG B 267 0.34 19.51 -1.90
N LEU B 268 1.19 19.20 -0.93
CA LEU B 268 2.63 19.29 -1.16
C LEU B 268 3.10 18.38 -2.30
N ILE B 269 2.73 17.09 -2.27
CA ILE B 269 3.26 16.17 -3.28
C ILE B 269 2.76 16.54 -4.69
N ASN B 270 1.49 16.87 -4.82
CA ASN B 270 0.93 17.24 -6.11
C ASN B 270 1.50 18.55 -6.67
N THR B 271 1.75 19.54 -5.81
CA THR B 271 2.35 20.79 -6.28
C THR B 271 3.78 20.58 -6.80
N GLN B 272 4.55 19.75 -6.11
CA GLN B 272 5.85 19.32 -6.62
C GLN B 272 5.78 18.88 -8.07
N ALA B 273 4.72 18.17 -8.42
CA ALA B 273 4.60 17.62 -9.77
C ALA B 273 4.09 18.67 -10.76
N ILE B 274 3.05 19.39 -10.35
CA ILE B 274 2.41 20.39 -11.21
C ILE B 274 3.39 21.47 -11.65
N PHE B 275 4.24 21.92 -10.74
CA PHE B 275 5.15 23.04 -11.00
C PHE B 275 6.58 22.63 -11.36
N ALA B 276 6.76 21.37 -11.76
CA ALA B 276 8.06 20.92 -12.27
C ALA B 276 8.14 21.27 -13.77
N LYS B 277 9.34 21.58 -14.24
CA LYS B 277 9.57 21.76 -15.69
C LYS B 277 9.48 20.41 -16.39
N CYS B 278 10.01 19.39 -15.73
CA CYS B 278 9.97 18.00 -16.20
CA CYS B 278 10.02 18.03 -16.21
C CYS B 278 9.98 17.11 -14.98
N THR B 279 9.37 15.93 -15.11
CA THR B 279 9.36 14.97 -14.01
C THR B 279 9.99 13.66 -14.39
N GLY B 280 10.74 13.10 -13.45
CA GLY B 280 11.22 11.74 -13.57
C GLY B 280 10.75 10.87 -12.41
N MET B 281 10.51 9.60 -12.68
CA MET B 281 10.10 8.67 -11.65
C MET B 281 10.91 7.40 -11.68
N ILE B 282 11.39 7.01 -10.51
CA ILE B 282 12.03 5.75 -10.31
C ILE B 282 11.36 5.08 -9.13
N ILE B 283 10.73 3.93 -9.39
CA ILE B 283 9.84 3.31 -8.42
C ILE B 283 10.24 1.86 -8.25
N LEU B 284 10.61 1.51 -7.02
CA LEU B 284 11.14 0.20 -6.67
C LEU B 284 10.12 -0.57 -5.85
N GLY B 285 9.71 -1.74 -6.34
CA GLY B 285 8.88 -2.67 -5.57
C GLY B 285 7.40 -2.62 -5.87
N GLY B 286 6.89 -1.55 -6.47
CA GLY B 286 5.43 -1.53 -6.79
C GLY B 286 4.44 -1.46 -5.63
N GLY B 287 3.24 -0.95 -5.91
CA GLY B 287 2.28 -0.58 -4.86
C GLY B 287 2.62 0.74 -4.14
N VAL B 288 3.49 1.55 -4.76
CA VAL B 288 4.00 2.75 -4.10
C VAL B 288 3.27 4.02 -4.54
N VAL B 289 2.97 4.11 -5.83
CA VAL B 289 2.46 5.33 -6.44
C VAL B 289 1.28 5.01 -7.38
N LYS B 290 0.39 5.98 -7.62
CA LYS B 290 -0.77 5.82 -8.53
C LYS B 290 -0.73 6.75 -9.77
N HIS B 291 -1.28 6.26 -10.88
CA HIS B 291 -1.31 6.96 -12.17
C HIS B 291 -2.67 7.59 -12.49
N HIS B 292 -2.89 7.91 -13.77
CA HIS B 292 -4.16 8.44 -14.27
C HIS B 292 -4.45 9.81 -13.67
N GLY B 302 1.84 14.47 -17.13
CA GLY B 302 2.39 13.12 -17.26
C GLY B 302 3.89 13.05 -16.95
N ALA B 303 4.35 11.90 -16.45
CA ALA B 303 5.79 11.70 -16.21
C ALA B 303 6.59 11.68 -17.51
N ASP B 304 7.64 12.48 -17.60
CA ASP B 304 8.44 12.55 -18.82
C ASP B 304 9.42 11.39 -18.92
N TYR B 305 9.86 10.88 -17.77
CA TYR B 305 10.71 9.71 -17.70
C TYR B 305 10.27 8.86 -16.52
N ALA B 306 10.30 7.55 -16.70
CA ALA B 306 9.82 6.63 -15.69
C ALA B 306 10.54 5.29 -15.78
N VAL B 307 11.09 4.83 -14.66
CA VAL B 307 11.62 3.46 -14.54
C VAL B 307 10.94 2.76 -13.37
N TYR B 308 10.44 1.55 -13.61
CA TYR B 308 9.88 0.72 -12.55
C TYR B 308 10.72 -0.52 -12.42
N ILE B 309 11.06 -0.90 -11.20
CA ILE B 309 11.75 -2.16 -10.96
C ILE B 309 10.98 -2.95 -9.92
N ASN B 310 10.35 -4.05 -10.34
CA ASN B 310 9.67 -4.95 -9.40
C ASN B 310 9.40 -6.32 -10.00
N THR B 311 8.87 -7.23 -9.18
CA THR B 311 8.53 -8.57 -9.65
C THR B 311 7.01 -8.83 -9.60
N ALA B 312 6.21 -7.78 -9.56
CA ALA B 312 4.75 -7.95 -9.56
C ALA B 312 4.30 -8.32 -10.98
N GLN B 313 3.18 -9.03 -11.09
CA GLN B 313 2.62 -9.39 -12.41
C GLN B 313 1.38 -8.56 -12.71
N GLU B 314 1.07 -8.46 -14.01
CA GLU B 314 -0.07 -7.67 -14.46
C GLU B 314 -1.35 -8.50 -14.59
N PHE B 315 -1.28 -9.82 -14.34
CA PHE B 315 -2.36 -10.74 -14.75
C PHE B 315 -3.58 -10.80 -13.81
N ASP B 316 -3.37 -10.58 -12.51
CA ASP B 316 -4.47 -10.33 -11.57
C ASP B 316 -4.78 -8.82 -11.43
N GLY B 317 -4.21 -8.00 -12.31
CA GLY B 317 -4.56 -6.59 -12.42
C GLY B 317 -3.99 -5.68 -11.35
N SER B 318 -2.84 -6.08 -10.79
CA SER B 318 -2.22 -5.32 -9.70
C SER B 318 -1.36 -4.14 -10.22
N ASP B 319 -1.68 -2.96 -9.68
CA ASP B 319 -1.06 -1.69 -10.07
C ASP B 319 0.45 -1.70 -9.87
N GLN B 338 8.21 6.80 -23.27
CA GLN B 338 8.74 5.42 -23.30
C GLN B 338 9.15 4.93 -21.89
N PRO B 339 8.16 4.67 -21.01
CA PRO B 339 8.43 4.16 -19.64
C PRO B 339 8.98 2.72 -19.66
N VAL B 340 9.92 2.44 -18.76
CA VAL B 340 10.63 1.17 -18.74
C VAL B 340 10.35 0.38 -17.47
N LYS B 341 9.89 -0.85 -17.61
CA LYS B 341 9.82 -1.79 -16.52
C LYS B 341 10.94 -2.87 -16.60
N VAL B 342 11.64 -3.07 -15.49
CA VAL B 342 12.56 -4.19 -15.31
C VAL B 342 11.94 -5.15 -14.30
N TYR B 343 11.60 -6.35 -14.75
CA TYR B 343 11.00 -7.36 -13.91
C TYR B 343 12.15 -8.10 -13.23
N ALA B 344 12.51 -7.63 -12.04
CA ALA B 344 13.63 -8.17 -11.31
C ALA B 344 13.55 -7.71 -9.86
N ASP B 345 14.28 -8.40 -9.00
CA ASP B 345 14.49 -8.00 -7.61
C ASP B 345 15.38 -6.74 -7.61
N ALA B 346 14.84 -5.66 -7.09
CA ALA B 346 15.56 -4.40 -7.00
C ALA B 346 16.85 -4.51 -6.19
N SER B 347 16.93 -5.46 -5.26
CA SER B 347 18.15 -5.70 -4.50
C SER B 347 19.36 -6.02 -5.38
N LEU B 348 19.14 -6.65 -6.53
CA LEU B 348 20.19 -6.88 -7.54
C LEU B 348 20.36 -5.71 -8.50
N VAL B 349 19.25 -5.23 -8.99
CA VAL B 349 19.24 -4.34 -10.11
C VAL B 349 19.53 -2.89 -9.73
N PHE B 350 19.06 -2.41 -8.59
CA PHE B 350 19.18 -1.00 -8.31
C PHE B 350 20.62 -0.52 -8.12
N PRO B 351 21.45 -1.27 -7.39
CA PRO B 351 22.80 -0.80 -7.28
C PRO B 351 23.53 -0.76 -8.63
N LEU B 352 23.25 -1.71 -9.50
CA LEU B 352 23.87 -1.70 -10.82
C LEU B 352 23.40 -0.46 -11.57
N LEU B 353 22.09 -0.19 -11.52
CA LEU B 353 21.53 0.97 -12.23
C LEU B 353 22.18 2.26 -11.73
N VAL B 354 22.33 2.37 -10.41
CA VAL B 354 22.96 3.56 -9.82
C VAL B 354 24.40 3.70 -10.27
N ALA B 355 25.11 2.57 -10.32
CA ALA B 355 26.50 2.56 -10.72
C ALA B 355 26.66 3.17 -12.12
N GLU B 356 25.74 2.88 -13.02
CA GLU B 356 25.87 3.33 -14.41
C GLU B 356 25.21 4.67 -14.70
N THR B 357 24.58 5.27 -13.69
CA THR B 357 23.87 6.53 -13.88
C THR B 357 24.27 7.59 -12.85
N PHE B 358 23.56 7.68 -11.72
CA PHE B 358 23.80 8.75 -10.76
C PHE B 358 25.27 8.79 -10.33
N ALA B 359 25.86 7.63 -10.06
CA ALA B 359 27.23 7.59 -9.50
C ALA B 359 28.30 8.00 -10.54
N GLN B 360 27.97 7.91 -11.82
CA GLN B 360 28.85 8.43 -12.90
C GLN B 360 28.87 9.95 -12.96
N LYS B 361 27.84 10.60 -12.41
CA LYS B 361 27.72 12.06 -12.48
C LYS B 361 27.90 12.70 -11.13
N MET B 362 28.60 12.01 -10.23
CA MET B 362 28.80 12.44 -8.84
C MET B 362 29.47 13.82 -8.74
N ASP B 363 30.43 14.08 -9.62
CA ASP B 363 31.10 15.40 -9.72
C ASP B 363 30.13 16.57 -9.95
N ALA B 364 29.19 16.39 -10.87
CA ALA B 364 28.20 17.42 -11.22
C ALA B 364 27.19 17.76 -10.11
N PHE B 365 26.97 16.86 -9.15
CA PHE B 365 26.05 17.16 -8.06
C PHE B 365 26.75 17.77 -6.85
N MET B 366 27.94 18.36 -7.02
CA MET B 366 28.68 18.96 -5.89
C MET B 366 29.41 20.27 -6.19
#